data_2LE6
#
_entry.id   2LE6
#
_entity_poly.entity_id   1
_entity_poly.type   'polydeoxyribonucleotide'
_entity_poly.pdbx_seq_one_letter_code
;(DG)(DI)(DG)(DT)(DG)(DG)(DG)(DT)(DG)(DG)(DG)(DT)(DG)(DG)(DG)(DT)
;
_entity_poly.pdbx_strand_id   A,B
#
loop_
_chem_comp.id
_chem_comp.type
_chem_comp.name
_chem_comp.formula
DG DNA linking 2'-DEOXYGUANOSINE-5'-MONOPHOSPHATE 'C10 H14 N5 O7 P'
DI DNA linking 2'-DEOXYINOSINE-5'-MONOPHOSPHATE 'C10 H13 N4 O7 P'
DT DNA linking THYMIDINE-5'-MONOPHOSPHATE 'C10 H15 N2 O8 P'
#